data_6RUM
#
_entry.id   6RUM
#
_cell.length_a   47.890
_cell.length_b   56.580
_cell.length_c   53.290
_cell.angle_alpha   90.00
_cell.angle_beta   94.91
_cell.angle_gamma   90.00
#
_symmetry.space_group_name_H-M   'P 1 21 1'
#
loop_
_entity.id
_entity.type
_entity.pdbx_description
1 polymer 'GFP-LAMA-G97 a GFP enhancer nanobody with cpDHFR insertion'
2 non-polymer TRIMETHOPRIM
3 non-polymer 'NADPH DIHYDRO-NICOTINAMIDE-ADENINE-DINUCLEOTIDE PHOSPHATE'
4 non-polymer 'CHLORIDE ION'
5 non-polymer 'TETRAETHYLENE GLYCOL'
6 non-polymer DI(HYDROXYETHYL)ETHER
7 water water
#
_entity_poly.entity_id   1
_entity_poly.type   'polypeptide(L)'
_entity_poly.pdbx_seq_one_letter_code
;GQVQLVESGGALVQPGGSLRLSCAASGFPVNRYSMRWYRQAPGKEREWVAGMSSAGDRSSYEDSVKGRFTISRDDARNTV
YLQMNSLKPEDTAVYYCNVNVGLPADLAWFKRNTLNKPVIMGRHTWESIGRPLPGRKNIILSSQPGTDDRVTWVKSVDEA
IAACGDVPEIMVIGGGRVYEQFLPKAQKLYLTHIDAEVEGDTHFPDYEPDDWESVFSEFHDADAQNSHSYCFEILERRGG
GGGMISLIAALAVDRVIGMENAMPWNFEYWGQGTQVTVS
;
_entity_poly.pdbx_strand_id   A
#
loop_
_chem_comp.id
_chem_comp.type
_chem_comp.name
_chem_comp.formula
CL non-polymer 'CHLORIDE ION' 'Cl -1'
NDP non-polymer 'NADPH DIHYDRO-NICOTINAMIDE-ADENINE-DINUCLEOTIDE PHOSPHATE' 'C21 H30 N7 O17 P3'
PEG non-polymer DI(HYDROXYETHYL)ETHER 'C4 H10 O3'
PG4 non-polymer 'TETRAETHYLENE GLYCOL' 'C8 H18 O5'
TOP non-polymer TRIMETHOPRIM 'C14 H18 N4 O3'
#
# COMPACT_ATOMS: atom_id res chain seq x y z
N GLN A 2 -21.60 -2.33 2.48
CA GLN A 2 -21.82 -1.90 3.85
C GLN A 2 -20.76 -0.91 4.29
N VAL A 3 -19.55 -1.04 3.73
CA VAL A 3 -18.50 -0.06 4.00
C VAL A 3 -18.85 1.24 3.30
N GLN A 4 -18.84 2.34 4.06
CA GLN A 4 -19.18 3.65 3.53
C GLN A 4 -18.21 4.67 4.11
N LEU A 5 -17.77 5.61 3.26
CA LEU A 5 -16.93 6.73 3.66
C LEU A 5 -17.62 8.01 3.22
N VAL A 6 -17.95 8.89 4.17
CA VAL A 6 -18.71 10.09 3.88
C VAL A 6 -17.94 11.30 4.40
N GLU A 7 -17.41 12.12 3.50
CA GLU A 7 -16.63 13.28 3.87
C GLU A 7 -17.52 14.51 4.04
N SER A 8 -17.11 15.38 4.96
CA SER A 8 -17.77 16.67 5.14
C SER A 8 -16.74 17.69 5.56
N GLY A 9 -17.16 18.95 5.62
CA GLY A 9 -16.34 20.02 6.13
C GLY A 9 -15.77 20.94 5.08
N GLY A 10 -15.85 20.58 3.81
CA GLY A 10 -15.34 21.45 2.77
C GLY A 10 -16.02 22.80 2.80
N ALA A 11 -15.26 23.83 2.46
CA ALA A 11 -15.75 25.20 2.58
C ALA A 11 -14.89 26.09 1.70
N LEU A 12 -15.38 27.31 1.49
CA LEU A 12 -14.60 28.39 0.92
C LEU A 12 -13.83 29.07 2.04
N VAL A 13 -12.52 29.19 1.86
CA VAL A 13 -11.65 29.72 2.91
C VAL A 13 -10.69 30.72 2.29
N GLN A 14 -10.29 31.72 3.10
CA GLN A 14 -9.34 32.71 2.59
C GLN A 14 -7.92 32.16 2.63
N PRO A 15 -7.04 32.62 1.75
CA PRO A 15 -5.65 32.14 1.79
C PRO A 15 -5.04 32.37 3.16
N GLY A 16 -4.26 31.40 3.61
CA GLY A 16 -3.70 31.42 4.95
C GLY A 16 -4.62 30.94 6.04
N GLY A 17 -5.89 30.65 5.73
CA GLY A 17 -6.84 30.17 6.72
C GLY A 17 -6.69 28.69 7.00
N SER A 18 -7.59 28.19 7.86
CA SER A 18 -7.56 26.83 8.36
C SER A 18 -8.92 26.18 8.17
N LEU A 19 -8.91 24.84 8.07
CA LEU A 19 -10.12 24.06 7.90
C LEU A 19 -9.88 22.64 8.43
N ARG A 20 -10.91 22.04 9.00
CA ARG A 20 -10.85 20.63 9.42
C ARG A 20 -11.88 19.83 8.64
N LEU A 21 -11.41 18.80 7.94
CA LEU A 21 -12.28 17.86 7.23
C LEU A 21 -12.54 16.62 8.08
N SER A 22 -13.71 16.02 7.85
CA SER A 22 -14.16 14.82 8.56
C SER A 22 -14.50 13.75 7.54
N CYS A 23 -14.24 12.49 7.87
CA CYS A 23 -14.76 11.38 7.08
C CYS A 23 -15.44 10.42 8.04
N ALA A 24 -16.77 10.36 7.97
CA ALA A 24 -17.54 9.44 8.81
C ALA A 24 -17.57 8.08 8.15
N ALA A 25 -17.04 7.08 8.85
CA ALA A 25 -16.94 5.74 8.30
C ALA A 25 -18.00 4.84 8.91
N SER A 26 -18.54 3.93 8.10
CA SER A 26 -19.47 2.91 8.54
C SER A 26 -19.03 1.57 7.98
N GLY A 27 -19.24 0.51 8.76
CA GLY A 27 -18.96 -0.83 8.30
C GLY A 27 -17.61 -1.39 8.69
N PHE A 28 -16.78 -0.62 9.39
CA PHE A 28 -15.48 -1.08 9.86
C PHE A 28 -14.97 -0.09 10.90
N PRO A 29 -14.09 -0.54 11.82
CA PRO A 29 -13.54 0.37 12.84
C PRO A 29 -12.31 1.10 12.33
N VAL A 30 -12.31 2.43 12.39
CA VAL A 30 -11.27 3.20 11.71
C VAL A 30 -9.90 2.98 12.33
N ASN A 31 -9.84 2.65 13.64
CA ASN A 31 -8.53 2.58 14.29
C ASN A 31 -7.78 1.30 13.97
N ARG A 32 -8.36 0.39 13.19
CA ARG A 32 -7.75 -0.91 12.90
C ARG A 32 -7.39 -1.08 11.43
N TYR A 33 -7.48 -0.01 10.64
CA TYR A 33 -7.11 -0.05 9.23
C TYR A 33 -6.23 1.16 8.92
N SER A 34 -5.31 0.99 7.99
CA SER A 34 -4.63 2.15 7.43
C SER A 34 -5.64 3.02 6.68
N MET A 35 -5.59 4.32 6.91
CA MET A 35 -6.51 5.26 6.27
C MET A 35 -5.69 6.33 5.58
N ARG A 36 -6.15 6.75 4.39
CA ARG A 36 -5.45 7.77 3.61
C ARG A 36 -6.41 8.86 3.16
N TRP A 37 -5.87 10.07 3.02
CA TRP A 37 -6.56 11.17 2.36
C TRP A 37 -5.91 11.40 0.99
N TYR A 38 -6.74 11.69 0.00
CA TYR A 38 -6.34 12.05 -1.35
C TYR A 38 -7.02 13.36 -1.72
N ARG A 39 -6.53 14.01 -2.77
CA ARG A 39 -7.25 15.15 -3.31
C ARG A 39 -7.13 15.16 -4.83
N GLN A 40 -8.08 15.82 -5.47
CA GLN A 40 -8.05 15.91 -6.93
C GLN A 40 -8.66 17.23 -7.38
N ALA A 41 -7.90 17.97 -8.19
CA ALA A 41 -8.39 19.15 -8.85
C ALA A 41 -8.63 18.87 -10.33
N PRO A 42 -9.58 19.56 -10.96
CA PRO A 42 -9.84 19.30 -12.38
C PRO A 42 -8.60 19.49 -13.25
N GLY A 43 -8.47 18.62 -14.24
CA GLY A 43 -7.31 18.68 -15.12
C GLY A 43 -6.05 18.13 -14.51
N LYS A 44 -6.13 17.47 -13.37
CA LYS A 44 -4.97 16.86 -12.73
C LYS A 44 -5.36 15.50 -12.21
N GLU A 45 -4.36 14.62 -12.11
CA GLU A 45 -4.59 13.31 -11.52
C GLU A 45 -4.76 13.44 -10.02
N ARG A 46 -5.51 12.51 -9.43
CA ARG A 46 -5.65 12.48 -7.99
C ARG A 46 -4.28 12.25 -7.35
N GLU A 47 -4.09 12.81 -6.16
CA GLU A 47 -2.80 12.65 -5.52
C GLU A 47 -2.98 12.31 -4.06
N TRP A 48 -2.14 11.41 -3.58
CA TRP A 48 -2.13 11.07 -2.17
C TRP A 48 -1.65 12.25 -1.34
N VAL A 49 -2.33 12.50 -0.21
CA VAL A 49 -2.08 13.63 0.66
C VAL A 49 -1.46 13.20 1.98
N ALA A 50 -2.06 12.21 2.63
CA ALA A 50 -1.69 11.87 4.00
C ALA A 50 -2.21 10.48 4.31
N GLY A 51 -1.56 9.83 5.27
CA GLY A 51 -2.03 8.53 5.71
C GLY A 51 -1.56 8.21 7.11
N MET A 52 -2.25 7.25 7.74
CA MET A 52 -1.87 6.70 9.03
CA MET A 52 -1.80 6.69 9.00
C MET A 52 -1.94 5.18 8.96
N SER A 53 -0.97 4.52 9.57
CA SER A 53 -0.91 3.07 9.56
CA SER A 53 -0.91 3.07 9.56
C SER A 53 -2.01 2.48 10.45
N SER A 54 -2.33 1.21 10.18
CA SER A 54 -3.38 0.56 10.97
C SER A 54 -3.04 0.60 12.45
N ALA A 55 -1.77 0.36 12.79
CA ALA A 55 -1.35 0.33 14.19
C ALA A 55 -1.38 1.71 14.84
N GLY A 56 -1.45 2.78 14.05
CA GLY A 56 -1.38 4.11 14.62
C GLY A 56 0.01 4.57 15.02
N ASP A 57 1.05 3.82 14.66
CA ASP A 57 2.41 4.14 15.06
C ASP A 57 3.19 4.91 14.00
N ARG A 58 2.57 5.21 12.86
CA ARG A 58 3.23 5.90 11.76
C ARG A 58 2.19 6.72 11.00
N SER A 59 2.56 7.94 10.64
CA SER A 59 1.77 8.74 9.71
CA SER A 59 1.76 8.76 9.73
C SER A 59 2.71 9.33 8.68
N SER A 60 2.18 9.54 7.47
CA SER A 60 3.00 10.00 6.35
C SER A 60 2.27 11.10 5.58
N TYR A 61 3.04 12.00 4.99
CA TYR A 61 2.46 13.16 4.30
C TYR A 61 3.26 13.43 3.03
N GLU A 62 2.58 13.95 2.01
CA GLU A 62 3.31 14.47 0.87
C GLU A 62 4.04 15.75 1.26
N ASP A 63 5.15 16.03 0.55
CA ASP A 63 6.04 17.12 0.95
C ASP A 63 5.32 18.46 1.08
N SER A 64 4.37 18.75 0.17
CA SER A 64 3.73 20.05 0.16
C SER A 64 2.75 20.28 1.30
N VAL A 65 2.40 19.24 2.06
CA VAL A 65 1.42 19.39 3.13
C VAL A 65 1.94 18.97 4.48
N LYS A 66 3.09 18.30 4.54
CA LYS A 66 3.62 17.81 5.81
C LYS A 66 3.74 18.94 6.83
N GLY A 67 3.32 18.66 8.05
CA GLY A 67 3.29 19.69 9.10
C GLY A 67 2.07 20.58 9.04
N ARG A 68 1.78 21.14 7.87
CA ARG A 68 0.60 21.98 7.66
C ARG A 68 -0.68 21.21 7.91
N PHE A 69 -0.72 19.97 7.43
CA PHE A 69 -1.87 19.08 7.56
C PHE A 69 -1.53 18.00 8.56
N THR A 70 -2.54 17.58 9.31
CA THR A 70 -2.36 16.49 10.27
C THR A 70 -3.59 15.59 10.23
N ILE A 71 -3.37 14.28 10.18
CA ILE A 71 -4.43 13.29 10.11
C ILE A 71 -4.69 12.75 11.52
N SER A 72 -5.95 12.43 11.82
CA SER A 72 -6.35 11.94 13.14
C SER A 72 -7.55 10.99 13.00
N ARG A 73 -7.69 10.07 13.96
CA ARG A 73 -8.79 9.11 13.96
C ARG A 73 -9.55 9.20 15.27
N ASP A 74 -10.87 9.33 15.16
CA ASP A 74 -11.78 9.44 16.29
C ASP A 74 -12.41 8.08 16.52
N ASP A 75 -12.09 7.47 17.66
CA ASP A 75 -12.58 6.13 17.95
C ASP A 75 -14.07 6.13 18.26
N ALA A 76 -14.52 7.06 19.09
CA ALA A 76 -15.91 7.06 19.51
C ALA A 76 -16.85 7.41 18.36
N ARG A 77 -16.40 8.28 17.45
CA ARG A 77 -17.23 8.71 16.33
C ARG A 77 -16.93 7.93 15.06
N ASN A 78 -15.99 6.99 15.11
CA ASN A 78 -15.55 6.22 13.96
C ASN A 78 -15.33 7.12 12.75
N THR A 79 -14.56 8.18 12.97
CA THR A 79 -14.37 9.25 11.99
C THR A 79 -12.89 9.56 11.85
N VAL A 80 -12.48 9.91 10.63
CA VAL A 80 -11.11 10.31 10.34
C VAL A 80 -11.12 11.80 10.05
N TYR A 81 -10.14 12.52 10.56
CA TYR A 81 -10.06 13.96 10.37
C TYR A 81 -8.81 14.32 9.61
N LEU A 82 -8.88 15.48 8.93
CA LEU A 82 -7.72 16.12 8.33
C LEU A 82 -7.73 17.58 8.74
N GLN A 83 -6.86 17.96 9.67
CA GLN A 83 -6.69 19.38 9.98
C GLN A 83 -5.79 20.00 8.91
N MET A 84 -6.21 21.15 8.35
CA MET A 84 -5.47 21.80 7.28
C MET A 84 -5.19 23.25 7.63
N ASN A 85 -3.91 23.60 7.78
CA ASN A 85 -3.49 24.95 8.13
C ASN A 85 -2.73 25.60 6.97
N SER A 86 -2.65 26.93 7.05
CA SER A 86 -1.91 27.73 6.08
C SER A 86 -2.34 27.41 4.66
N LEU A 87 -3.65 27.47 4.42
CA LEU A 87 -4.20 27.01 3.15
C LEU A 87 -3.85 27.99 2.03
N LYS A 88 -3.54 27.44 0.86
CA LYS A 88 -3.11 28.14 -0.33
C LYS A 88 -4.12 27.92 -1.45
N PRO A 89 -4.22 28.84 -2.41
CA PRO A 89 -5.12 28.61 -3.56
C PRO A 89 -4.92 27.25 -4.20
N GLU A 90 -3.69 26.80 -4.27
CA GLU A 90 -3.38 25.53 -4.90
C GLU A 90 -3.83 24.33 -4.08
N ASP A 91 -4.26 24.53 -2.84
CA ASP A 91 -4.90 23.46 -2.08
C ASP A 91 -6.34 23.23 -2.50
N THR A 92 -6.87 24.02 -3.45
CA THR A 92 -8.25 23.88 -3.90
C THR A 92 -8.42 22.54 -4.60
N ALA A 93 -9.31 21.70 -4.07
CA ALA A 93 -9.48 20.36 -4.64
C ALA A 93 -10.67 19.69 -3.97
N VAL A 94 -11.11 18.57 -4.54
CA VAL A 94 -11.98 17.64 -3.82
C VAL A 94 -11.12 16.71 -2.99
N TYR A 95 -11.43 16.59 -1.69
CA TYR A 95 -10.66 15.75 -0.77
C TYR A 95 -11.49 14.53 -0.41
N TYR A 96 -10.85 13.37 -0.34
CA TYR A 96 -11.61 12.18 0.01
C TYR A 96 -10.70 11.15 0.66
N CYS A 97 -11.35 10.29 1.43
CA CYS A 97 -10.68 9.24 2.18
C CYS A 97 -10.65 7.94 1.37
N ASN A 98 -9.77 7.03 1.80
CA ASN A 98 -9.53 5.78 1.11
C ASN A 98 -9.12 4.74 2.16
N VAL A 99 -9.59 3.51 1.97
CA VAL A 99 -9.29 2.40 2.87
C VAL A 99 -9.33 1.12 2.05
N ASN A 100 -8.52 0.14 2.45
CA ASN A 100 -8.56 -1.22 1.91
C ASN A 100 -9.12 -2.12 3.00
N VAL A 101 -10.08 -2.97 2.64
CA VAL A 101 -10.60 -3.92 3.61
C VAL A 101 -10.53 -5.32 3.02
N GLY A 102 -10.60 -6.31 3.90
CA GLY A 102 -10.58 -7.70 3.47
C GLY A 102 -9.52 -8.51 4.18
N LEU A 103 -8.28 -8.02 4.17
CA LEU A 103 -7.22 -8.76 4.83
C LEU A 103 -6.16 -7.81 5.37
N PRO A 104 -6.52 -6.95 6.34
CA PRO A 104 -5.53 -5.96 6.84
C PRO A 104 -4.30 -6.58 7.45
N ALA A 105 -4.34 -7.81 7.94
CA ALA A 105 -3.15 -8.40 8.53
C ALA A 105 -2.04 -8.57 7.51
N ASP A 106 -2.38 -8.90 6.25
CA ASP A 106 -1.35 -9.04 5.24
C ASP A 106 -0.68 -7.71 4.93
N LEU A 107 -1.48 -6.64 4.87
CA LEU A 107 -0.89 -5.35 4.55
C LEU A 107 -0.01 -4.84 5.70
N ALA A 108 -0.34 -5.19 6.95
CA ALA A 108 0.55 -4.85 8.05
C ALA A 108 1.84 -5.65 7.98
N TRP A 109 1.75 -6.94 7.63
CA TRP A 109 2.93 -7.78 7.48
C TRP A 109 3.82 -7.27 6.36
N PHE A 110 3.22 -6.86 5.24
CA PHE A 110 4.00 -6.34 4.13
C PHE A 110 4.78 -5.09 4.54
N LYS A 111 4.08 -4.18 5.22
CA LYS A 111 4.72 -2.95 5.69
C LYS A 111 5.86 -3.23 6.65
N ARG A 112 5.62 -4.09 7.64
CA ARG A 112 6.64 -4.41 8.62
C ARG A 112 7.90 -4.97 7.97
N ASN A 113 7.73 -5.77 6.91
CA ASN A 113 8.87 -6.45 6.31
C ASN A 113 9.48 -5.68 5.15
N THR A 114 8.92 -4.52 4.76
CA THR A 114 9.54 -3.72 3.70
C THR A 114 10.02 -2.34 4.13
N LEU A 115 9.52 -1.80 5.25
CA LEU A 115 9.97 -0.48 5.69
C LEU A 115 11.49 -0.44 5.80
N ASN A 116 12.07 0.67 5.35
CA ASN A 116 13.51 0.94 5.39
C ASN A 116 14.32 -0.03 4.54
N LYS A 117 13.69 -0.58 3.49
CA LYS A 117 14.37 -1.38 2.49
C LYS A 117 13.91 -0.89 1.13
N PRO A 118 14.77 -0.97 0.12
CA PRO A 118 14.32 -0.63 -1.24
C PRO A 118 13.35 -1.69 -1.73
N VAL A 119 12.30 -1.23 -2.43
CA VAL A 119 11.32 -2.12 -3.04
C VAL A 119 11.41 -1.97 -4.56
N ILE A 120 11.28 -3.10 -5.25
CA ILE A 120 11.24 -3.15 -6.72
C ILE A 120 9.87 -3.67 -7.13
N MET A 121 9.22 -2.97 -8.06
CA MET A 121 7.92 -3.40 -8.57
C MET A 121 7.84 -3.16 -10.06
N GLY A 122 6.98 -3.91 -10.71
CA GLY A 122 6.72 -3.66 -12.11
C GLY A 122 5.71 -2.55 -12.30
N ARG A 123 5.59 -2.07 -13.55
CA ARG A 123 4.76 -0.90 -13.80
C ARG A 123 3.29 -1.16 -13.49
N HIS A 124 2.80 -2.39 -13.71
CA HIS A 124 1.39 -2.64 -13.43
C HIS A 124 1.12 -2.53 -11.93
N THR A 125 2.03 -3.05 -11.12
CA THR A 125 1.86 -2.99 -9.67
C THR A 125 1.93 -1.56 -9.17
N TRP A 126 2.84 -0.76 -9.74
CA TRP A 126 2.88 0.66 -9.43
C TRP A 126 1.56 1.33 -9.75
N GLU A 127 0.97 1.01 -10.89
CA GLU A 127 -0.31 1.63 -11.22
C GLU A 127 -1.41 1.17 -10.26
N SER A 128 -1.35 -0.08 -9.79
CA SER A 128 -2.36 -0.57 -8.87
C SER A 128 -2.23 0.09 -7.50
N ILE A 129 -1.01 0.22 -6.98
CA ILE A 129 -0.85 0.90 -5.69
C ILE A 129 -1.13 2.39 -5.84
N GLY A 130 -0.60 3.02 -6.89
CA GLY A 130 -1.00 4.36 -7.27
C GLY A 130 -0.41 5.47 -6.44
N ARG A 131 0.56 5.17 -5.57
CA ARG A 131 1.20 6.16 -4.71
C ARG A 131 2.55 5.62 -4.30
N PRO A 132 3.54 6.47 -4.06
CA PRO A 132 4.81 5.98 -3.52
C PRO A 132 4.62 5.40 -2.13
N LEU A 133 5.30 4.30 -1.86
CA LEU A 133 5.26 3.71 -0.52
C LEU A 133 6.22 4.47 0.38
N PRO A 134 5.73 5.13 1.44
CA PRO A 134 6.63 5.94 2.27
C PRO A 134 7.65 5.10 3.03
N GLY A 135 8.79 5.71 3.31
CA GLY A 135 9.80 5.06 4.12
C GLY A 135 10.59 3.97 3.42
N ARG A 136 10.46 3.88 2.10
CA ARG A 136 11.13 2.89 1.28
C ARG A 136 11.55 3.58 -0.01
N LYS A 137 12.69 3.17 -0.55
CA LYS A 137 13.04 3.63 -1.89
C LYS A 137 12.22 2.82 -2.88
N ASN A 138 11.46 3.50 -3.74
CA ASN A 138 10.55 2.87 -4.69
C ASN A 138 11.21 2.81 -6.06
N ILE A 139 11.38 1.61 -6.60
CA ILE A 139 12.02 1.39 -7.89
C ILE A 139 11.01 0.69 -8.79
N ILE A 140 10.70 1.31 -9.94
CA ILE A 140 9.68 0.81 -10.87
C ILE A 140 10.36 0.36 -12.16
N LEU A 141 10.11 -0.88 -12.55
CA LEU A 141 10.54 -1.38 -13.84
C LEU A 141 9.56 -0.99 -14.94
N SER A 142 10.08 -0.36 -16.00
CA SER A 142 9.30 -0.10 -17.20
C SER A 142 10.28 0.02 -18.36
N SER A 143 9.88 -0.50 -19.52
CA SER A 143 10.72 -0.28 -20.69
C SER A 143 10.63 1.14 -21.23
N GLN A 144 9.65 1.92 -20.77
CA GLN A 144 9.37 3.26 -21.26
C GLN A 144 9.86 4.31 -20.25
N PRO A 145 10.04 5.56 -20.69
CA PRO A 145 10.45 6.60 -19.72
C PRO A 145 9.50 6.71 -18.54
N GLY A 146 10.05 7.11 -17.41
CA GLY A 146 9.25 7.26 -16.21
C GLY A 146 8.24 8.37 -16.33
N THR A 147 7.15 8.24 -15.55
CA THR A 147 6.04 9.18 -15.61
C THR A 147 5.68 9.72 -14.22
N ASP A 148 6.59 9.59 -13.26
CA ASP A 148 6.38 10.11 -11.92
C ASP A 148 7.74 10.41 -11.31
N ASP A 149 7.98 11.69 -10.99
CA ASP A 149 9.29 12.11 -10.48
C ASP A 149 9.57 11.59 -9.07
N ARG A 150 8.55 11.14 -8.35
CA ARG A 150 8.71 10.80 -6.93
C ARG A 150 9.36 9.45 -6.72
N VAL A 151 9.48 8.63 -7.75
CA VAL A 151 10.05 7.30 -7.62
C VAL A 151 11.12 7.15 -8.69
N THR A 152 11.90 6.08 -8.57
CA THR A 152 13.01 5.79 -9.46
C THR A 152 12.55 4.78 -10.51
N TRP A 153 12.68 5.15 -11.77
CA TRP A 153 12.30 4.29 -12.88
C TRP A 153 13.55 3.69 -13.51
N VAL A 154 13.49 2.39 -13.79
CA VAL A 154 14.61 1.68 -14.39
C VAL A 154 14.08 0.81 -15.53
N LYS A 155 14.95 0.46 -16.46
CA LYS A 155 14.55 -0.23 -17.68
C LYS A 155 15.04 -1.68 -17.76
N SER A 156 15.65 -2.21 -16.70
CA SER A 156 16.16 -3.58 -16.72
C SER A 156 16.32 -4.10 -15.30
N VAL A 157 16.40 -5.42 -15.18
CA VAL A 157 16.66 -6.06 -13.89
C VAL A 157 17.97 -5.54 -13.31
N ASP A 158 19.02 -5.48 -14.15
CA ASP A 158 20.33 -5.04 -13.67
C ASP A 158 20.28 -3.59 -13.21
N GLU A 159 19.57 -2.73 -13.93
CA GLU A 159 19.43 -1.35 -13.48
C GLU A 159 18.66 -1.25 -12.16
N ALA A 160 17.63 -2.10 -12.00
CA ALA A 160 16.85 -2.09 -10.77
C ALA A 160 17.70 -2.46 -9.57
N ILE A 161 18.53 -3.50 -9.70
CA ILE A 161 19.37 -3.91 -8.59
C ILE A 161 20.43 -2.85 -8.30
N ALA A 162 21.00 -2.27 -9.36
CA ALA A 162 22.00 -1.21 -9.17
C ALA A 162 21.40 -0.01 -8.43
N ALA A 163 20.15 0.34 -8.73
CA ALA A 163 19.52 1.47 -8.08
C ALA A 163 19.30 1.25 -6.60
N CYS A 164 19.35 0.00 -6.13
CA CYS A 164 19.21 -0.26 -4.70
C CYS A 164 20.47 0.05 -3.91
N GLY A 165 21.62 0.14 -4.59
CA GLY A 165 22.85 0.43 -3.90
C GLY A 165 23.28 -0.73 -3.02
N ASP A 166 24.22 -0.44 -2.12
CA ASP A 166 24.80 -1.46 -1.25
C ASP A 166 23.93 -1.57 0.00
N VAL A 167 22.90 -2.40 -0.07
CA VAL A 167 22.01 -2.60 1.07
C VAL A 167 22.06 -4.07 1.46
N PRO A 168 21.62 -4.41 2.67
CA PRO A 168 21.58 -5.82 3.06
C PRO A 168 20.51 -6.62 2.35
N GLU A 169 19.39 -6.01 1.95
CA GLU A 169 18.26 -6.78 1.44
C GLU A 169 17.45 -5.91 0.49
N ILE A 170 17.09 -6.47 -0.65
CA ILE A 170 16.19 -5.84 -1.62
C ILE A 170 14.89 -6.63 -1.63
N MET A 171 13.77 -5.94 -1.51
CA MET A 171 12.46 -6.59 -1.52
C MET A 171 11.81 -6.40 -2.88
N VAL A 172 11.48 -7.51 -3.54
CA VAL A 172 10.75 -7.46 -4.82
C VAL A 172 9.28 -7.67 -4.48
N ILE A 173 8.42 -6.72 -4.84
CA ILE A 173 7.08 -6.68 -4.28
C ILE A 173 5.98 -6.95 -5.31
N GLY A 174 6.34 -7.38 -6.52
CA GLY A 174 5.37 -7.77 -7.54
C GLY A 174 5.59 -6.99 -8.82
N GLY A 175 4.85 -7.38 -9.86
CA GLY A 175 3.82 -8.40 -9.81
C GLY A 175 4.24 -9.70 -10.44
N GLY A 176 3.31 -10.36 -11.14
CA GLY A 176 3.60 -11.71 -11.63
C GLY A 176 4.80 -11.74 -12.57
N ARG A 177 4.90 -10.78 -13.49
CA ARG A 177 5.99 -10.80 -14.44
C ARG A 177 7.31 -10.50 -13.76
N VAL A 178 7.30 -9.59 -12.79
CA VAL A 178 8.51 -9.26 -12.07
C VAL A 178 8.94 -10.42 -11.18
N TYR A 179 8.00 -11.07 -10.51
CA TYR A 179 8.35 -12.23 -9.69
C TYR A 179 9.03 -13.32 -10.52
N GLU A 180 8.53 -13.57 -11.73
CA GLU A 180 9.13 -14.62 -12.57
C GLU A 180 10.60 -14.36 -12.83
N GLN A 181 10.97 -13.10 -13.04
CA GLN A 181 12.35 -12.78 -13.35
C GLN A 181 13.25 -12.76 -12.12
N PHE A 182 12.72 -12.40 -10.96
CA PHE A 182 13.58 -12.29 -9.78
C PHE A 182 13.60 -13.56 -8.92
N LEU A 183 12.66 -14.48 -9.12
CA LEU A 183 12.65 -15.71 -8.31
C LEU A 183 13.97 -16.47 -8.39
N PRO A 184 14.58 -16.67 -9.55
CA PRO A 184 15.85 -17.42 -9.57
C PRO A 184 16.99 -16.71 -8.84
N LYS A 185 16.92 -15.40 -8.62
CA LYS A 185 17.94 -14.67 -7.86
C LYS A 185 17.62 -14.61 -6.37
N ALA A 186 16.41 -14.99 -5.99
CA ALA A 186 15.95 -14.79 -4.63
C ALA A 186 16.61 -15.79 -3.68
N GLN A 187 16.98 -15.29 -2.49
CA GLN A 187 17.45 -16.13 -1.41
C GLN A 187 16.40 -16.37 -0.35
N LYS A 188 15.33 -15.56 -0.34
CA LYS A 188 14.28 -15.66 0.67
C LYS A 188 12.94 -15.34 0.01
N LEU A 189 11.91 -16.06 0.42
CA LEU A 189 10.53 -15.76 0.04
C LEU A 189 9.76 -15.43 1.30
N TYR A 190 9.12 -14.27 1.33
CA TYR A 190 8.17 -13.90 2.39
C TYR A 190 6.77 -14.10 1.83
N LEU A 191 6.09 -15.14 2.27
CA LEU A 191 4.81 -15.51 1.65
C LEU A 191 3.68 -15.44 2.67
N THR A 192 2.58 -14.83 2.28
CA THR A 192 1.33 -14.92 3.00
C THR A 192 0.46 -15.91 2.23
N HIS A 193 0.04 -16.99 2.87
CA HIS A 193 -0.86 -17.95 2.23
C HIS A 193 -2.27 -17.68 2.74
N ILE A 194 -3.18 -17.39 1.82
CA ILE A 194 -4.55 -17.00 2.14
C ILE A 194 -5.46 -18.14 1.73
N ASP A 195 -6.27 -18.64 2.67
CA ASP A 195 -7.15 -19.79 2.41
C ASP A 195 -8.43 -19.29 1.75
N ALA A 196 -8.28 -18.82 0.52
CA ALA A 196 -9.39 -18.28 -0.27
C ALA A 196 -9.32 -18.87 -1.67
N GLU A 197 -10.46 -19.37 -2.15
CA GLU A 197 -10.58 -19.87 -3.52
C GLU A 197 -11.11 -18.72 -4.36
N VAL A 198 -10.24 -18.09 -5.12
CA VAL A 198 -10.61 -16.91 -5.88
C VAL A 198 -10.05 -17.01 -7.29
N GLU A 199 -10.80 -16.48 -8.24
CA GLU A 199 -10.36 -16.39 -9.63
C GLU A 199 -9.18 -15.45 -9.73
N GLY A 200 -8.21 -15.79 -10.57
CA GLY A 200 -7.06 -14.92 -10.79
C GLY A 200 -6.64 -14.89 -12.24
N ASP A 201 -6.06 -13.76 -12.64
CA ASP A 201 -5.42 -13.66 -13.95
C ASP A 201 -3.91 -13.54 -13.85
N THR A 202 -3.36 -13.58 -12.63
CA THR A 202 -1.93 -13.49 -12.38
C THR A 202 -1.63 -14.45 -11.24
N HIS A 203 -0.53 -15.19 -11.38
CA HIS A 203 -0.15 -16.16 -10.36
C HIS A 203 1.30 -15.94 -9.95
N PHE A 204 1.62 -16.38 -8.73
CA PHE A 204 3.01 -16.46 -8.32
C PHE A 204 3.69 -17.57 -9.11
N PRO A 205 4.98 -17.42 -9.41
CA PRO A 205 5.66 -18.46 -10.19
C PRO A 205 5.68 -19.81 -9.48
N ASP A 206 5.76 -20.87 -10.28
CA ASP A 206 5.70 -22.24 -9.79
C ASP A 206 7.04 -22.62 -9.19
N TYR A 207 7.23 -22.28 -7.92
CA TYR A 207 8.41 -22.68 -7.18
C TYR A 207 8.23 -24.08 -6.62
N GLU A 208 9.35 -24.74 -6.31
CA GLU A 208 9.34 -26.08 -5.76
C GLU A 208 9.51 -26.01 -4.25
N PRO A 209 8.47 -26.35 -3.46
CA PRO A 209 8.61 -26.24 -2.00
C PRO A 209 9.76 -27.05 -1.43
N ASP A 210 10.14 -28.14 -2.09
CA ASP A 210 11.23 -28.99 -1.59
C ASP A 210 12.57 -28.26 -1.63
N ASP A 211 12.72 -27.28 -2.53
CA ASP A 211 13.96 -26.53 -2.65
C ASP A 211 14.08 -25.39 -1.65
N TRP A 212 13.10 -25.22 -0.77
CA TRP A 212 13.11 -24.14 0.19
C TRP A 212 12.90 -24.70 1.58
N GLU A 213 13.53 -24.07 2.56
CA GLU A 213 13.35 -24.42 3.95
C GLU A 213 12.58 -23.33 4.66
N SER A 214 11.49 -23.70 5.32
CA SER A 214 10.71 -22.75 6.09
C SER A 214 11.42 -22.49 7.42
N VAL A 215 11.79 -21.23 7.64
CA VAL A 215 12.40 -20.82 8.90
C VAL A 215 11.46 -20.04 9.79
N PHE A 216 10.26 -19.72 9.32
CA PHE A 216 9.26 -19.01 10.10
C PHE A 216 7.90 -19.36 9.54
N SER A 217 6.97 -19.73 10.42
CA SER A 217 5.62 -20.13 10.02
CA SER A 217 5.63 -20.12 10.01
C SER A 217 4.67 -19.76 11.15
N GLU A 218 3.66 -18.94 10.85
CA GLU A 218 2.71 -18.48 11.85
C GLU A 218 1.29 -18.58 11.31
N PHE A 219 0.43 -19.32 12.01
CA PHE A 219 -0.94 -19.54 11.56
C PHE A 219 -1.88 -18.53 12.21
N HIS A 220 -2.88 -18.08 11.43
CA HIS A 220 -3.90 -17.17 11.94
C HIS A 220 -5.27 -17.56 11.45
N ASP A 221 -6.28 -17.25 12.27
CA ASP A 221 -7.67 -17.52 11.95
C ASP A 221 -8.33 -16.32 11.27
N ALA A 222 -9.30 -16.61 10.41
CA ALA A 222 -10.26 -15.59 10.01
C ALA A 222 -10.90 -14.98 11.24
N ASP A 223 -11.08 -13.66 11.22
CA ASP A 223 -11.72 -12.97 12.35
C ASP A 223 -12.63 -11.89 11.77
N ALA A 224 -12.99 -10.92 12.62
CA ALA A 224 -13.91 -9.86 12.22
C ALA A 224 -13.33 -8.98 11.13
N GLN A 225 -12.00 -8.86 11.08
CA GLN A 225 -11.36 -8.00 10.08
C GLN A 225 -10.76 -8.78 8.92
N ASN A 226 -10.25 -9.98 9.17
CA ASN A 226 -9.57 -10.76 8.14
C ASN A 226 -10.51 -11.84 7.64
N SER A 227 -10.85 -11.77 6.35
CA SER A 227 -11.96 -12.55 5.83
C SER A 227 -11.68 -14.04 5.78
N HIS A 228 -10.40 -14.44 5.72
CA HIS A 228 -10.08 -15.85 5.56
C HIS A 228 -8.89 -16.18 6.45
N SER A 229 -8.79 -17.45 6.81
CA SER A 229 -7.59 -17.90 7.49
CA SER A 229 -7.59 -17.93 7.48
C SER A 229 -6.36 -17.62 6.62
N TYR A 230 -5.24 -17.36 7.30
CA TYR A 230 -4.03 -16.99 6.57
C TYR A 230 -2.82 -17.38 7.41
N CYS A 231 -1.68 -17.51 6.75
CA CYS A 231 -0.44 -17.91 7.40
CA CYS A 231 -0.47 -17.79 7.49
C CYS A 231 0.72 -17.10 6.82
N PHE A 232 1.64 -16.68 7.68
CA PHE A 232 2.85 -16.01 7.25
C PHE A 232 3.99 -17.03 7.29
N GLU A 233 4.81 -17.02 6.23
CA GLU A 233 5.88 -17.99 6.04
C GLU A 233 7.11 -17.25 5.51
N ILE A 234 8.29 -17.59 6.02
CA ILE A 234 9.54 -17.13 5.43
C ILE A 234 10.35 -18.35 5.05
N LEU A 235 10.71 -18.46 3.77
CA LEU A 235 11.49 -19.56 3.25
C LEU A 235 12.88 -19.08 2.87
N GLU A 236 13.89 -19.92 3.11
CA GLU A 236 15.25 -19.64 2.66
C GLU A 236 15.66 -20.69 1.65
N ARG A 237 16.37 -20.27 0.61
CA ARG A 237 16.76 -21.20 -0.46
C ARG A 237 17.76 -22.22 0.08
N ARG A 238 17.43 -23.51 -0.06
CA ARG A 238 18.33 -24.56 0.40
C ARG A 238 19.64 -24.51 -0.38
N GLY A 239 20.74 -24.36 0.34
CA GLY A 239 22.05 -24.25 -0.29
C GLY A 239 22.26 -22.92 -0.98
N GLY A 242 24.17 -16.95 -1.23
CA GLY A 242 23.81 -15.67 -0.65
C GLY A 242 23.44 -14.63 -1.69
N GLY A 243 22.77 -13.57 -1.25
CA GLY A 243 22.35 -12.51 -2.16
C GLY A 243 21.39 -11.55 -1.50
N MET A 244 21.18 -10.39 -2.12
CA MET A 244 20.32 -9.37 -1.53
C MET A 244 18.84 -9.64 -1.74
N ILE A 245 18.47 -10.44 -2.75
CA ILE A 245 17.10 -10.41 -3.28
C ILE A 245 16.18 -11.28 -2.43
N SER A 246 15.06 -10.70 -2.00
CA SER A 246 13.95 -11.40 -1.38
C SER A 246 12.67 -11.07 -2.14
N LEU A 247 11.76 -12.04 -2.26
CA LEU A 247 10.44 -11.74 -2.79
C LEU A 247 9.46 -11.72 -1.64
N ILE A 248 8.44 -10.85 -1.73
CA ILE A 248 7.34 -10.85 -0.77
C ILE A 248 6.04 -10.81 -1.59
N ALA A 249 5.11 -11.70 -1.22
CA ALA A 249 3.91 -11.92 -2.03
C ALA A 249 2.85 -12.57 -1.15
N ALA A 250 1.59 -12.25 -1.46
CA ALA A 250 0.44 -12.91 -0.83
C ALA A 250 -0.23 -13.81 -1.87
N LEU A 251 -0.42 -15.08 -1.51
CA LEU A 251 -0.89 -16.10 -2.45
C LEU A 251 -2.19 -16.69 -1.92
N ALA A 252 -3.25 -16.64 -2.72
CA ALA A 252 -4.44 -17.42 -2.42
C ALA A 252 -4.24 -18.84 -2.94
N VAL A 253 -5.33 -19.64 -2.96
CA VAL A 253 -5.22 -21.01 -3.42
C VAL A 253 -4.81 -21.02 -4.88
N ASP A 254 -3.98 -22.00 -5.25
CA ASP A 254 -3.47 -22.19 -6.61
C ASP A 254 -2.55 -21.05 -7.03
N ARG A 255 -1.91 -20.42 -6.04
CA ARG A 255 -0.91 -19.36 -6.26
C ARG A 255 -1.50 -18.12 -6.91
N VAL A 256 -2.80 -17.89 -6.79
CA VAL A 256 -3.42 -16.69 -7.33
C VAL A 256 -2.92 -15.46 -6.57
N ILE A 257 -2.45 -14.44 -7.30
CA ILE A 257 -2.04 -13.19 -6.68
C ILE A 257 -2.80 -11.97 -7.19
N GLY A 258 -3.46 -12.05 -8.35
CA GLY A 258 -4.08 -10.83 -8.86
C GLY A 258 -5.24 -11.12 -9.77
N MET A 259 -6.10 -10.13 -9.93
CA MET A 259 -7.21 -10.17 -10.87
C MET A 259 -7.56 -8.74 -11.23
N GLU A 260 -7.50 -8.41 -12.53
CA GLU A 260 -7.82 -7.07 -13.01
C GLU A 260 -7.06 -5.99 -12.24
N ASN A 261 -5.76 -6.25 -12.09
CA ASN A 261 -4.78 -5.31 -11.51
C ASN A 261 -5.10 -4.95 -10.07
N ALA A 262 -5.69 -5.89 -9.34
CA ALA A 262 -5.96 -5.77 -7.92
C ALA A 262 -5.75 -7.13 -7.28
N MET A 263 -5.74 -7.15 -5.95
CA MET A 263 -5.72 -8.43 -5.24
C MET A 263 -7.15 -8.87 -4.94
N PRO A 264 -7.56 -10.08 -5.31
CA PRO A 264 -9.00 -10.39 -5.28
C PRO A 264 -9.60 -10.44 -3.88
N TRP A 265 -8.81 -10.59 -2.83
CA TRP A 265 -9.31 -10.59 -1.47
C TRP A 265 -9.31 -9.19 -0.85
N ASN A 266 -8.85 -8.19 -1.58
CA ASN A 266 -8.75 -6.83 -1.10
C ASN A 266 -9.81 -5.98 -1.80
N PHE A 267 -10.54 -5.19 -1.02
CA PHE A 267 -11.59 -4.32 -1.54
C PHE A 267 -11.23 -2.89 -1.21
N GLU A 268 -11.07 -2.06 -2.23
CA GLU A 268 -10.74 -0.66 -2.05
C GLU A 268 -12.02 0.16 -2.00
N TYR A 269 -12.07 1.12 -1.07
CA TYR A 269 -13.22 1.99 -0.94
C TYR A 269 -12.77 3.43 -0.93
N TRP A 270 -13.57 4.30 -1.55
CA TRP A 270 -13.29 5.72 -1.64
C TRP A 270 -14.49 6.52 -1.17
N GLY A 271 -14.22 7.67 -0.57
CA GLY A 271 -15.30 8.55 -0.15
C GLY A 271 -15.91 9.30 -1.33
N GLN A 272 -17.02 9.99 -1.03
CA GLN A 272 -17.68 10.77 -2.06
C GLN A 272 -16.92 12.06 -2.36
N GLY A 273 -16.18 12.58 -1.39
CA GLY A 273 -15.41 13.77 -1.60
C GLY A 273 -16.09 15.01 -1.02
N THR A 274 -15.28 15.97 -0.60
CA THR A 274 -15.76 17.25 -0.14
C THR A 274 -14.88 18.33 -0.76
N GLN A 275 -15.51 19.39 -1.26
CA GLN A 275 -14.80 20.40 -2.01
C GLN A 275 -14.26 21.48 -1.07
N VAL A 276 -12.95 21.73 -1.17
CA VAL A 276 -12.28 22.78 -0.43
C VAL A 276 -11.83 23.82 -1.46
N THR A 277 -12.20 25.07 -1.25
CA THR A 277 -11.86 26.15 -2.17
C THR A 277 -11.15 27.24 -1.41
N VAL A 278 -9.95 27.59 -1.85
CA VAL A 278 -9.14 28.62 -1.20
C VAL A 278 -9.04 29.78 -2.18
N SER A 279 -9.73 30.87 -1.88
CA SER A 279 -9.73 32.04 -2.75
C SER A 279 -9.76 33.32 -1.93
C1 TOP B . 1.17 -6.90 -0.62
N2 TOP B . 1.15 -7.92 0.25
C3 TOP B . 2.18 -8.80 0.26
N4 TOP B . 2.21 -9.89 1.19
N5 TOP B . 3.20 -8.71 -0.62
C6 TOP B . 3.21 -7.72 -1.48
N7 TOP B . 4.31 -7.69 -2.40
C8 TOP B . 2.19 -6.81 -1.50
C9 TOP B . 2.26 -5.66 -2.51
C10 TOP B . 1.05 -4.71 -2.45
C11 TOP B . 0.85 -3.77 -1.44
C12 TOP B . -0.27 -2.94 -1.48
O13 TOP B . -0.55 -1.97 -0.49
C14 TOP B . 0.57 -1.55 0.25
C15 TOP B . -1.18 -3.05 -2.50
O16 TOP B . -2.31 -2.21 -2.51
C17 TOP B . -3.42 -2.75 -1.84
C18 TOP B . -1.00 -3.98 -3.50
O19 TOP B . -1.94 -4.08 -4.53
C20 TOP B . -1.57 -4.87 -5.63
C21 TOP B . 0.13 -4.81 -3.49
PA NDP C . 3.92 -6.36 -13.13
O1A NDP C . 3.41 -5.63 -11.94
O2A NDP C . 4.91 -7.48 -12.99
O5B NDP C . 4.55 -5.17 -14.12
C5B NDP C . 4.74 -5.70 -15.42
C4B NDP C . 5.43 -4.56 -16.21
O4B NDP C . 6.69 -4.28 -15.61
C3B NDP C . 5.69 -4.87 -17.72
O3B NDP C . 4.52 -4.62 -18.50
C2B NDP C . 6.79 -3.81 -18.01
O2B NDP C . 6.35 -2.54 -18.03
C1B NDP C . 7.60 -3.90 -16.67
N9A NDP C . 8.73 -4.84 -16.70
C8A NDP C . 8.77 -6.18 -16.29
N7A NDP C . 9.97 -6.74 -16.42
C5A NDP C . 10.75 -5.71 -16.95
C6A NDP C . 12.11 -5.65 -17.32
N6A NDP C . 12.95 -6.73 -17.21
N1A NDP C . 12.64 -4.49 -17.82
C2A NDP C . 11.77 -3.44 -17.90
N3A NDP C . 10.48 -3.33 -17.61
C4A NDP C . 9.98 -4.52 -17.12
O3 NDP C . 2.56 -6.76 -13.97
PN NDP C . 1.76 -8.15 -13.76
O1N NDP C . 0.51 -7.91 -14.50
O2N NDP C . 2.54 -9.44 -13.98
O5D NDP C . 1.31 -8.27 -12.11
C5D NDP C . 0.27 -7.39 -11.81
C4D NDP C . -0.72 -8.13 -10.90
O4D NDP C . -0.03 -8.59 -9.73
C3D NDP C . -1.88 -7.23 -10.41
O3D NDP C . -3.06 -7.99 -10.39
C2D NDP C . -1.49 -6.94 -8.97
O2D NDP C . -2.61 -6.78 -8.19
C1D NDP C . -0.86 -8.32 -8.62
N1N NDP C . 0.00 -8.22 -7.43
C2N NDP C . -0.21 -9.09 -6.39
C3N NDP C . 0.59 -9.06 -5.30
C7N NDP C . 0.29 -10.04 -4.26
O7N NDP C . -0.71 -10.80 -4.21
N7N NDP C . 1.22 -10.09 -3.26
C4N NDP C . 1.69 -8.10 -5.11
C5N NDP C . 1.81 -7.18 -6.28
C6N NDP C . 1.01 -7.28 -7.35
P2B NDP C . 6.31 -1.71 -19.61
O1X NDP C . 5.15 -2.41 -20.23
O2X NDP C . 6.08 -0.26 -19.18
O3X NDP C . 7.67 -2.03 -20.15
CL CL D . -0.09 10.05 -5.47
CL CL E . 16.25 -7.28 -17.91
CL CL F . -5.06 -1.76 6.46
O1 PG4 G . -15.96 17.06 -9.31
C1 PG4 G . -15.91 18.47 -9.41
C2 PG4 G . -17.05 19.06 -8.58
O2 PG4 G . -16.59 19.41 -7.31
C3 PG4 G . -17.60 19.46 -6.33
C4 PG4 G . -17.34 18.39 -5.29
O3 PG4 G . -18.49 17.59 -5.14
C5 PG4 G . -18.56 16.89 -3.93
C6 PG4 G . -19.35 15.60 -4.15
O4 PG4 G . -20.26 15.38 -3.11
C7 PG4 G . -21.39 14.68 -3.50
C8 PG4 G . -22.12 14.10 -2.29
O5 PG4 G . -22.81 15.11 -1.61
C1 PEG H . 11.93 -23.34 -7.74
O1 PEG H . 11.60 -23.19 -6.39
C2 PEG H . 12.26 -21.95 -8.30
O2 PEG H . 13.24 -21.37 -7.48
C3 PEG H . 14.11 -20.52 -8.17
C4 PEG H . 14.70 -21.21 -9.40
O4 PEG H . 14.41 -20.43 -10.52
#